data_2YVY
#
_entry.id   2YVY
#
_cell.length_a   57.727
_cell.length_b   57.727
_cell.length_c   317.561
_cell.angle_alpha   90.00
_cell.angle_beta   90.00
_cell.angle_gamma   120.00
#
_symmetry.space_group_name_H-M   'P 65 2 2'
#
loop_
_entity.id
_entity.type
_entity.pdbx_description
1 polymer 'Mg2+ transporter MgtE'
2 non-polymer 'MAGNESIUM ION'
3 water water
#
_entity_poly.entity_id   1
_entity_poly.type   'polypeptide(L)'
_entity_poly.pdbx_seq_one_letter_code
;GSHMEEKLAVSLQEALQEGDTRALREVLEEIHPQDLLALWDELKGEHRYVVLTLLPKAKAAEVLSHLSPEEQAEYLKTLP
PWRLREILEELSLDDLADALQAVRKEDPAYFQRLKDLLDPRTRAEVEALARYEEDEAGGLMTPEYVAVREGMTVEEVLRF
LRRAAPDAETIYYIYVVDEKGRLKGVLSLRDLIVADPRTRVAEIMNPKVVYVRTDTDQEEVARLMADYDFTVLPVVDEEG
RLVGIVTVDDVLDVLEAEATEDIHKLGAVDVPDLVYSE
;
_entity_poly.pdbx_strand_id   A
#
loop_
_chem_comp.id
_chem_comp.type
_chem_comp.name
_chem_comp.formula
MG non-polymer 'MAGNESIUM ION' 'Mg 2'
#
# COMPACT_ATOMS: atom_id res chain seq x y z
N LEU A 8 -22.24 14.63 -5.99
CA LEU A 8 -22.13 13.34 -5.25
C LEU A 8 -21.92 13.57 -3.76
N ALA A 9 -21.59 14.80 -3.37
CA ALA A 9 -21.38 15.13 -1.97
C ALA A 9 -22.65 14.91 -1.14
N VAL A 10 -23.33 15.98 -0.77
CA VAL A 10 -24.55 15.84 0.02
C VAL A 10 -25.58 14.97 -0.69
N SER A 11 -25.47 14.87 -2.02
CA SER A 11 -26.39 14.07 -2.81
C SER A 11 -26.44 12.63 -2.31
N LEU A 12 -25.66 12.38 -1.27
CA LEU A 12 -25.56 11.06 -0.64
C LEU A 12 -26.41 11.01 0.61
N GLN A 13 -26.16 11.97 1.50
CA GLN A 13 -26.88 12.08 2.75
C GLN A 13 -28.36 12.09 2.47
N GLU A 14 -28.70 12.16 1.19
CA GLU A 14 -30.07 12.15 0.72
C GLU A 14 -30.53 10.69 0.80
N ALA A 15 -29.73 9.80 0.22
CA ALA A 15 -30.02 8.37 0.22
C ALA A 15 -29.91 7.84 1.65
N LEU A 16 -28.98 8.38 2.42
CA LEU A 16 -28.75 7.98 3.81
C LEU A 16 -29.92 8.25 4.73
N GLN A 17 -30.27 9.52 4.90
CA GLN A 17 -31.37 9.90 5.78
C GLN A 17 -32.66 9.23 5.35
N GLU A 18 -32.78 8.89 4.07
CA GLU A 18 -33.98 8.26 3.55
C GLU A 18 -34.10 6.75 3.76
N GLY A 19 -33.00 6.02 3.57
CA GLY A 19 -33.05 4.59 3.72
C GLY A 19 -33.28 3.99 2.34
N ASP A 20 -32.78 4.71 1.34
CA ASP A 20 -32.89 4.37 -0.07
C ASP A 20 -31.64 3.56 -0.54
N THR A 21 -31.62 2.28 -0.19
CA THR A 21 -30.49 1.42 -0.53
C THR A 21 -30.13 1.45 -2.00
N ARG A 22 -31.14 1.44 -2.86
CA ARG A 22 -30.89 1.49 -4.30
C ARG A 22 -30.12 2.77 -4.67
N ALA A 23 -30.62 3.91 -4.22
CA ALA A 23 -29.98 5.19 -4.49
C ALA A 23 -28.61 5.22 -3.83
N LEU A 24 -28.55 4.69 -2.62
CA LEU A 24 -27.27 4.69 -1.89
C LEU A 24 -26.17 3.98 -2.69
N ARG A 25 -26.42 2.70 -3.03
CA ARG A 25 -25.48 1.89 -3.78
C ARG A 25 -25.06 2.56 -5.07
N GLU A 26 -25.99 3.28 -5.69
CA GLU A 26 -25.72 3.98 -6.93
C GLU A 26 -24.72 5.10 -6.72
N VAL A 27 -24.95 5.96 -5.73
CA VAL A 27 -24.02 7.05 -5.47
C VAL A 27 -22.67 6.50 -5.06
N LEU A 28 -22.65 5.35 -4.38
CA LEU A 28 -21.40 4.78 -3.93
C LEU A 28 -20.55 4.19 -5.07
N GLU A 29 -21.20 3.87 -6.18
CA GLU A 29 -20.47 3.32 -7.34
C GLU A 29 -19.54 4.38 -7.95
N GLU A 30 -19.85 5.64 -7.78
CA GLU A 30 -19.02 6.69 -8.37
C GLU A 30 -18.49 7.77 -7.43
N ILE A 31 -18.81 7.66 -6.14
CA ILE A 31 -18.31 8.62 -5.17
C ILE A 31 -16.79 8.42 -5.05
N HIS A 32 -16.01 9.47 -5.27
CA HIS A 32 -14.56 9.36 -5.16
C HIS A 32 -14.20 9.30 -3.68
N PRO A 33 -13.28 8.37 -3.32
CA PRO A 33 -12.81 8.16 -1.94
C PRO A 33 -12.50 9.43 -1.16
N GLN A 34 -11.81 10.37 -1.79
CA GLN A 34 -11.47 11.60 -1.09
C GLN A 34 -12.70 12.48 -0.91
N ASP A 35 -13.61 12.40 -1.88
CA ASP A 35 -14.84 13.19 -1.77
C ASP A 35 -15.64 12.73 -0.57
N LEU A 36 -15.51 11.45 -0.25
CA LEU A 36 -16.24 10.86 0.86
C LEU A 36 -15.50 11.10 2.17
N LEU A 37 -14.17 11.02 2.12
CA LEU A 37 -13.34 11.21 3.31
C LEU A 37 -13.48 12.63 3.83
N ALA A 38 -14.02 13.50 2.97
CA ALA A 38 -14.24 14.91 3.27
C ALA A 38 -15.40 15.10 4.24
N LEU A 39 -16.61 14.89 3.74
CA LEU A 39 -17.80 15.04 4.54
C LEU A 39 -17.93 13.95 5.59
N TRP A 40 -16.82 13.27 5.84
CA TRP A 40 -16.78 12.21 6.80
C TRP A 40 -16.99 12.58 8.26
N ASP A 41 -16.64 13.79 8.68
CA ASP A 41 -16.82 14.20 10.09
C ASP A 41 -18.27 14.57 10.31
N GLU A 42 -18.96 14.76 9.18
CA GLU A 42 -20.35 15.18 9.13
C GLU A 42 -21.31 13.99 8.94
N LEU A 43 -20.83 12.79 9.31
CA LEU A 43 -21.62 11.57 9.20
C LEU A 43 -21.79 10.87 10.53
N LYS A 44 -23.04 10.57 10.87
CA LYS A 44 -23.36 9.88 12.12
C LYS A 44 -22.70 8.52 12.08
N GLY A 45 -22.52 7.91 13.24
CA GLY A 45 -21.90 6.59 13.33
C GLY A 45 -22.58 5.55 12.45
N GLU A 46 -23.90 5.51 12.49
CA GLU A 46 -24.67 4.55 11.70
C GLU A 46 -24.34 4.64 10.21
N HIS A 47 -24.25 5.86 9.71
CA HIS A 47 -23.97 6.09 8.29
C HIS A 47 -22.55 5.72 7.87
N ARG A 48 -21.59 5.91 8.76
CA ARG A 48 -20.21 5.55 8.44
C ARG A 48 -20.16 4.04 8.25
N TYR A 49 -20.93 3.35 9.08
CA TYR A 49 -20.97 1.89 9.03
C TYR A 49 -21.62 1.38 7.74
N VAL A 50 -22.78 1.93 7.39
CA VAL A 50 -23.43 1.51 6.15
C VAL A 50 -22.56 1.76 4.94
N VAL A 51 -21.93 2.94 4.86
CA VAL A 51 -21.09 3.24 3.69
C VAL A 51 -19.93 2.28 3.56
N LEU A 52 -19.23 1.99 4.68
CA LEU A 52 -18.12 1.04 4.66
C LEU A 52 -18.63 -0.38 4.32
N THR A 53 -19.94 -0.57 4.42
CA THR A 53 -20.54 -1.85 4.10
C THR A 53 -20.91 -1.99 2.62
N LEU A 54 -21.56 -0.97 2.08
CA LEU A 54 -22.04 -0.98 0.70
C LEU A 54 -21.12 -0.51 -0.41
N LEU A 55 -20.11 0.25 -0.02
CA LEU A 55 -19.11 0.78 -0.93
C LEU A 55 -18.39 -0.36 -1.66
N PRO A 56 -18.02 -0.17 -2.95
CA PRO A 56 -17.31 -1.25 -3.66
C PRO A 56 -15.99 -1.48 -2.90
N LYS A 57 -15.70 -2.73 -2.58
CA LYS A 57 -14.55 -3.07 -1.74
C LYS A 57 -13.24 -2.31 -1.89
N ALA A 58 -12.81 -2.04 -3.11
CA ALA A 58 -11.55 -1.31 -3.34
C ALA A 58 -11.56 0.10 -2.74
N LYS A 59 -12.69 0.80 -2.90
CA LYS A 59 -12.89 2.16 -2.39
C LYS A 59 -12.99 2.16 -0.86
N ALA A 60 -13.65 1.13 -0.34
CA ALA A 60 -13.80 0.99 1.11
C ALA A 60 -12.42 0.83 1.74
N ALA A 61 -11.59 0.00 1.11
CA ALA A 61 -10.24 -0.21 1.62
C ALA A 61 -9.55 1.17 1.61
N GLU A 62 -9.70 1.88 0.49
CA GLU A 62 -9.08 3.17 0.32
C GLU A 62 -9.50 4.14 1.41
N VAL A 63 -10.79 4.24 1.66
CA VAL A 63 -11.28 5.14 2.68
C VAL A 63 -10.71 4.83 4.06
N LEU A 64 -10.91 3.58 4.48
CA LEU A 64 -10.46 3.11 5.78
C LEU A 64 -8.96 3.30 5.96
N SER A 65 -8.21 3.21 4.87
CA SER A 65 -6.76 3.35 4.94
C SER A 65 -6.37 4.77 5.33
N HIS A 66 -7.29 5.69 5.17
CA HIS A 66 -7.01 7.07 5.48
C HIS A 66 -7.62 7.56 6.75
N LEU A 67 -8.35 6.70 7.44
CA LEU A 67 -8.96 7.09 8.71
C LEU A 67 -7.95 6.95 9.84
N SER A 68 -8.29 7.42 11.03
CA SER A 68 -7.37 7.31 12.15
C SER A 68 -7.26 5.84 12.48
N PRO A 69 -6.16 5.45 13.12
CA PRO A 69 -5.97 4.04 13.47
C PRO A 69 -6.98 3.57 14.52
N GLU A 70 -7.55 4.49 15.28
CA GLU A 70 -8.53 4.09 16.29
C GLU A 70 -9.84 3.84 15.55
N GLU A 71 -10.09 4.61 14.50
CA GLU A 71 -11.32 4.40 13.75
C GLU A 71 -11.12 3.11 12.95
N GLN A 72 -9.91 2.95 12.43
CA GLN A 72 -9.58 1.76 11.65
C GLN A 72 -9.86 0.50 12.44
N ALA A 73 -9.38 0.49 13.68
CA ALA A 73 -9.56 -0.66 14.57
C ALA A 73 -11.02 -0.85 14.99
N GLU A 74 -11.78 0.24 15.13
CA GLU A 74 -13.17 0.08 15.52
C GLU A 74 -14.01 -0.55 14.41
N TYR A 75 -13.71 -0.23 13.15
CA TYR A 75 -14.49 -0.81 12.07
C TYR A 75 -14.03 -2.21 11.73
N LEU A 76 -12.78 -2.53 12.02
CA LEU A 76 -12.32 -3.87 11.75
C LEU A 76 -12.89 -4.76 12.86
N LYS A 77 -13.43 -4.16 13.93
CA LYS A 77 -14.00 -4.99 15.00
C LYS A 77 -15.53 -5.02 14.97
N THR A 78 -16.15 -4.16 14.18
CA THR A 78 -17.60 -4.13 14.14
C THR A 78 -18.21 -4.58 12.83
N LEU A 79 -17.44 -4.49 11.74
CA LEU A 79 -17.93 -4.90 10.43
C LEU A 79 -18.01 -6.42 10.35
N PRO A 80 -18.99 -6.94 9.59
CA PRO A 80 -19.15 -8.40 9.46
C PRO A 80 -17.91 -9.06 8.83
N PRO A 81 -17.57 -10.27 9.30
CA PRO A 81 -16.41 -11.00 8.80
C PRO A 81 -16.39 -11.14 7.26
N TRP A 82 -17.57 -11.36 6.65
CA TRP A 82 -17.61 -11.48 5.18
C TRP A 82 -17.13 -10.17 4.58
N ARG A 83 -17.53 -9.05 5.16
CA ARG A 83 -17.11 -7.75 4.65
C ARG A 83 -15.61 -7.50 4.97
N LEU A 84 -15.19 -7.85 6.18
CA LEU A 84 -13.78 -7.66 6.57
C LEU A 84 -12.91 -8.40 5.56
N ARG A 85 -13.29 -9.63 5.25
CA ARG A 85 -12.57 -10.41 4.28
C ARG A 85 -12.34 -9.55 3.05
N GLU A 86 -13.41 -8.97 2.52
CA GLU A 86 -13.34 -8.11 1.34
C GLU A 86 -12.42 -6.88 1.51
N ILE A 87 -12.68 -5.99 2.48
CA ILE A 87 -11.83 -4.80 2.69
C ILE A 87 -10.36 -5.14 2.84
N LEU A 88 -10.04 -6.05 3.75
CA LEU A 88 -8.66 -6.41 3.99
C LEU A 88 -7.90 -6.89 2.78
N GLU A 89 -8.53 -7.67 1.93
CA GLU A 89 -7.82 -8.14 0.76
C GLU A 89 -7.58 -7.03 -0.28
N GLU A 90 -8.24 -5.89 -0.12
CA GLU A 90 -8.06 -4.73 -1.03
C GLU A 90 -6.98 -3.72 -0.55
N LEU A 91 -6.54 -3.86 0.70
CA LEU A 91 -5.53 -2.97 1.24
C LEU A 91 -4.14 -3.24 0.70
N SER A 92 -3.35 -2.17 0.51
CA SER A 92 -1.98 -2.38 0.08
C SER A 92 -1.39 -3.05 1.31
N LEU A 93 -0.29 -3.77 1.17
CA LEU A 93 0.27 -4.46 2.33
C LEU A 93 0.69 -3.54 3.48
N ASP A 94 1.35 -2.44 3.17
CA ASP A 94 1.74 -1.56 4.25
C ASP A 94 0.54 -1.01 4.94
N ASP A 95 -0.55 -0.78 4.20
CA ASP A 95 -1.72 -0.27 4.87
C ASP A 95 -2.40 -1.36 5.73
N LEU A 96 -2.27 -2.64 5.31
CA LEU A 96 -2.89 -3.74 6.04
C LEU A 96 -2.19 -3.86 7.40
N ALA A 97 -0.86 -3.92 7.35
CA ALA A 97 -0.08 -4.00 8.57
C ALA A 97 -0.50 -2.89 9.54
N ASP A 98 -0.55 -1.65 9.07
CA ASP A 98 -0.93 -0.59 10.00
C ASP A 98 -2.34 -0.78 10.54
N ALA A 99 -3.25 -1.28 9.71
CA ALA A 99 -4.64 -1.51 10.15
C ALA A 99 -4.72 -2.65 11.18
N LEU A 100 -3.91 -3.68 10.97
CA LEU A 100 -3.85 -4.81 11.89
C LEU A 100 -3.19 -4.32 13.22
N GLN A 101 -2.04 -3.64 13.15
CA GLN A 101 -1.34 -3.12 14.33
C GLN A 101 -2.28 -2.22 15.13
N ALA A 102 -3.20 -1.55 14.45
CA ALA A 102 -4.15 -0.69 15.14
C ALA A 102 -4.98 -1.56 16.11
N VAL A 103 -5.59 -2.60 15.55
CA VAL A 103 -6.41 -3.56 16.32
C VAL A 103 -5.55 -4.27 17.39
N ARG A 104 -4.37 -4.74 16.98
CA ARG A 104 -3.45 -5.45 17.87
C ARG A 104 -3.24 -4.70 19.19
N LYS A 105 -3.04 -3.40 19.09
CA LYS A 105 -2.83 -2.55 20.25
C LYS A 105 -4.01 -2.64 21.23
N GLU A 106 -5.22 -2.68 20.71
CA GLU A 106 -6.44 -2.74 21.53
C GLU A 106 -6.87 -4.16 21.95
N ASP A 107 -6.79 -5.10 21.02
CA ASP A 107 -7.24 -6.47 21.22
C ASP A 107 -6.31 -7.42 20.46
N PRO A 108 -5.24 -7.87 21.09
CA PRO A 108 -4.33 -8.77 20.37
C PRO A 108 -4.93 -10.10 19.89
N ALA A 109 -5.97 -10.58 20.58
CA ALA A 109 -6.61 -11.84 20.21
C ALA A 109 -7.35 -11.71 18.88
N TYR A 110 -8.09 -10.61 18.73
CA TYR A 110 -8.87 -10.36 17.51
C TYR A 110 -7.91 -10.10 16.35
N PHE A 111 -6.70 -9.65 16.67
CA PHE A 111 -5.68 -9.42 15.65
C PHE A 111 -5.39 -10.75 14.99
N GLN A 112 -5.29 -11.79 15.83
CA GLN A 112 -5.06 -13.16 15.36
C GLN A 112 -6.25 -13.61 14.50
N ARG A 113 -7.48 -13.24 14.89
CA ARG A 113 -8.65 -13.60 14.10
C ARG A 113 -8.51 -12.92 12.72
N LEU A 114 -8.33 -11.60 12.74
CA LEU A 114 -8.21 -10.84 11.49
C LEU A 114 -7.21 -11.47 10.55
N LYS A 115 -6.04 -11.85 11.06
CA LYS A 115 -5.05 -12.48 10.20
C LYS A 115 -5.54 -13.81 9.63
N ASP A 116 -6.34 -14.55 10.41
CA ASP A 116 -6.85 -15.82 9.94
C ASP A 116 -7.86 -15.68 8.82
N LEU A 117 -8.50 -14.50 8.74
CA LEU A 117 -9.49 -14.26 7.66
C LEU A 117 -8.82 -14.06 6.32
N LEU A 118 -7.54 -13.70 6.34
CA LEU A 118 -6.77 -13.46 5.12
C LEU A 118 -6.48 -14.72 4.37
N ASP A 119 -6.01 -14.50 3.15
CA ASP A 119 -5.61 -15.54 2.26
C ASP A 119 -4.20 -15.82 2.71
N PRO A 120 -3.86 -17.10 2.90
CA PRO A 120 -2.55 -17.58 3.35
C PRO A 120 -1.34 -16.84 2.78
N ARG A 121 -1.38 -16.52 1.49
CA ARG A 121 -0.28 -15.83 0.83
C ARG A 121 -0.20 -14.41 1.41
N THR A 122 -1.36 -13.81 1.64
CA THR A 122 -1.48 -12.47 2.20
C THR A 122 -1.05 -12.49 3.67
N ARG A 123 -1.60 -13.46 4.42
CA ARG A 123 -1.33 -13.61 5.85
C ARG A 123 0.15 -13.77 6.20
N ALA A 124 0.88 -14.56 5.44
CA ALA A 124 2.29 -14.74 5.73
C ALA A 124 3.11 -13.47 5.47
N GLU A 125 2.67 -12.69 4.47
CA GLU A 125 3.32 -11.45 4.06
C GLU A 125 3.19 -10.34 5.09
N VAL A 126 1.99 -10.18 5.63
CA VAL A 126 1.75 -9.15 6.61
C VAL A 126 2.50 -9.49 7.88
N GLU A 127 2.56 -10.78 8.19
CA GLU A 127 3.25 -11.23 9.39
C GLU A 127 4.68 -10.79 9.45
N ALA A 128 5.41 -10.91 8.35
CA ALA A 128 6.79 -10.47 8.35
C ALA A 128 6.82 -8.95 8.50
N LEU A 129 5.82 -8.30 7.93
CA LEU A 129 5.70 -6.86 7.94
C LEU A 129 5.34 -6.25 9.30
N ALA A 130 4.15 -6.64 9.77
CA ALA A 130 3.55 -6.18 11.02
C ALA A 130 4.48 -6.25 12.22
N ARG A 131 5.56 -7.00 12.07
CA ARG A 131 6.52 -7.14 13.15
C ARG A 131 7.48 -5.96 13.22
N TYR A 132 8.13 -5.57 12.09
CA TYR A 132 9.10 -4.45 12.10
C TYR A 132 8.62 -3.27 12.92
N GLU A 133 9.57 -2.48 13.41
CA GLU A 133 9.21 -1.32 14.21
C GLU A 133 8.37 -0.44 13.28
N GLU A 134 7.20 0.00 13.74
CA GLU A 134 6.34 0.78 12.87
C GLU A 134 6.76 2.22 12.56
N ASP A 135 7.88 2.64 13.14
CA ASP A 135 8.44 3.97 12.95
C ASP A 135 9.82 3.85 12.31
N GLU A 136 10.04 2.74 11.62
CA GLU A 136 11.31 2.49 10.93
C GLU A 136 10.99 2.11 9.48
N ALA A 137 11.98 1.97 8.63
CA ALA A 137 11.69 1.64 7.24
C ALA A 137 10.72 0.44 7.06
N GLY A 138 10.97 -0.63 7.82
CA GLY A 138 10.14 -1.83 7.74
C GLY A 138 8.67 -1.58 8.00
N GLY A 139 8.37 -0.73 8.97
CA GLY A 139 6.99 -0.39 9.27
C GLY A 139 6.32 0.58 8.31
N LEU A 140 7.07 1.02 7.30
CA LEU A 140 6.56 1.95 6.30
C LEU A 140 6.50 1.31 4.93
N MET A 141 7.43 0.39 4.67
CA MET A 141 7.53 -0.28 3.37
C MET A 141 6.44 -1.27 2.97
N THR A 142 6.42 -1.57 1.67
CA THR A 142 5.52 -2.56 1.10
C THR A 142 6.34 -3.42 0.16
N PRO A 143 6.04 -4.72 0.13
CA PRO A 143 6.79 -5.61 -0.77
C PRO A 143 6.24 -5.62 -2.18
N GLU A 144 5.24 -4.77 -2.44
CA GLU A 144 4.64 -4.71 -3.76
C GLU A 144 5.39 -3.78 -4.73
N TYR A 145 6.64 -4.14 -4.98
CA TYR A 145 7.49 -3.40 -5.89
C TYR A 145 7.85 -4.33 -7.05
N VAL A 146 8.54 -3.80 -8.05
CA VAL A 146 8.98 -4.58 -9.19
C VAL A 146 10.52 -4.64 -9.22
N ALA A 147 11.04 -5.86 -9.36
CA ALA A 147 12.48 -6.11 -9.41
C ALA A 147 12.80 -6.95 -10.64
N VAL A 148 13.99 -6.72 -11.20
CA VAL A 148 14.43 -7.46 -12.38
C VAL A 148 15.90 -7.81 -12.27
N ARG A 149 16.41 -8.56 -13.24
CA ARG A 149 17.81 -8.99 -13.23
C ARG A 149 18.54 -8.06 -14.16
N GLU A 150 19.87 -7.97 -14.06
CA GLU A 150 20.55 -7.02 -14.94
C GLU A 150 20.79 -7.59 -16.34
N GLY A 151 20.55 -8.89 -16.51
CA GLY A 151 20.75 -9.50 -17.82
C GLY A 151 19.54 -9.35 -18.72
N MET A 152 18.39 -9.04 -18.11
CA MET A 152 17.16 -8.87 -18.87
C MET A 152 17.23 -7.68 -19.80
N THR A 153 16.56 -7.77 -20.94
CA THR A 153 16.55 -6.65 -21.86
C THR A 153 15.38 -5.71 -21.48
N VAL A 154 15.32 -4.58 -22.15
CA VAL A 154 14.28 -3.61 -21.88
C VAL A 154 12.93 -4.18 -22.29
N GLU A 155 12.92 -4.84 -23.44
CA GLU A 155 11.71 -5.47 -23.96
C GLU A 155 11.12 -6.46 -22.94
N GLU A 156 11.98 -7.30 -22.34
CA GLU A 156 11.55 -8.28 -21.32
C GLU A 156 10.99 -7.62 -20.07
N VAL A 157 11.61 -6.50 -19.68
CA VAL A 157 11.17 -5.76 -18.49
C VAL A 157 9.83 -5.05 -18.73
N LEU A 158 9.69 -4.45 -19.92
CA LEU A 158 8.44 -3.76 -20.25
C LEU A 158 7.33 -4.80 -20.29
N ARG A 159 7.61 -5.94 -20.94
CA ARG A 159 6.65 -7.02 -21.01
C ARG A 159 6.27 -7.40 -19.56
N PHE A 160 7.27 -7.64 -18.74
CA PHE A 160 7.05 -7.97 -17.36
C PHE A 160 6.15 -6.97 -16.64
N LEU A 161 6.54 -5.69 -16.67
CA LEU A 161 5.82 -4.61 -15.99
C LEU A 161 4.33 -4.54 -16.33
N ARG A 162 3.97 -4.69 -17.60
CA ARG A 162 2.56 -4.71 -17.97
C ARG A 162 1.84 -5.78 -17.13
N ARG A 163 2.49 -6.93 -16.95
CA ARG A 163 1.90 -8.03 -16.18
C ARG A 163 1.89 -7.73 -14.69
N ALA A 164 2.95 -7.11 -14.19
CA ALA A 164 3.05 -6.78 -12.76
C ALA A 164 2.34 -5.48 -12.36
N ALA A 165 2.07 -4.60 -13.32
CA ALA A 165 1.44 -3.31 -13.01
C ALA A 165 0.26 -3.33 -12.04
N PRO A 166 -0.81 -4.09 -12.36
CA PRO A 166 -2.03 -4.19 -11.54
C PRO A 166 -1.88 -4.34 -10.02
N ASP A 167 -0.82 -5.00 -9.56
CA ASP A 167 -0.62 -5.20 -8.13
C ASP A 167 0.50 -4.35 -7.53
N ALA A 168 1.44 -3.92 -8.37
CA ALA A 168 2.57 -3.12 -7.90
C ALA A 168 2.19 -1.78 -7.27
N GLU A 169 2.91 -1.40 -6.24
CA GLU A 169 2.70 -0.11 -5.59
C GLU A 169 3.03 0.96 -6.68
N THR A 170 4.02 0.66 -7.51
CA THR A 170 4.44 1.54 -8.61
C THR A 170 5.33 0.75 -9.58
N ILE A 171 5.48 1.27 -10.80
CA ILE A 171 6.36 0.65 -11.75
C ILE A 171 7.22 1.76 -12.37
N TYR A 172 7.19 2.94 -11.75
CA TYR A 172 7.99 4.06 -12.24
C TYR A 172 9.47 3.89 -11.82
N TYR A 173 9.72 3.16 -10.73
CA TYR A 173 11.09 2.85 -10.30
C TYR A 173 11.22 1.33 -10.16
N ILE A 174 12.09 0.76 -10.97
CA ILE A 174 12.33 -0.69 -11.03
C ILE A 174 13.71 -1.03 -10.45
N TYR A 175 13.71 -1.81 -9.38
CA TYR A 175 14.98 -2.18 -8.75
C TYR A 175 15.64 -3.39 -9.37
N VAL A 176 16.96 -3.45 -9.25
CA VAL A 176 17.69 -4.55 -9.82
C VAL A 176 18.32 -5.39 -8.72
N VAL A 177 18.13 -6.71 -8.85
CA VAL A 177 18.67 -7.67 -7.90
C VAL A 177 19.43 -8.79 -8.61
N ASP A 178 20.13 -9.59 -7.81
CA ASP A 178 20.84 -10.75 -8.32
C ASP A 178 20.21 -12.03 -7.76
N GLU A 179 20.80 -13.16 -8.16
CA GLU A 179 20.37 -14.49 -7.76
C GLU A 179 20.07 -14.59 -6.27
N LYS A 180 20.76 -13.78 -5.46
CA LYS A 180 20.56 -13.82 -4.01
C LYS A 180 19.51 -12.84 -3.52
N GLY A 181 18.99 -12.02 -4.43
CA GLY A 181 17.98 -11.03 -4.07
C GLY A 181 18.55 -9.77 -3.47
N ARG A 182 19.84 -9.51 -3.69
CA ARG A 182 20.38 -8.27 -3.14
C ARG A 182 20.39 -7.13 -4.14
N LEU A 183 20.11 -5.95 -3.62
CA LEU A 183 20.05 -4.72 -4.40
C LEU A 183 21.30 -4.43 -5.22
N LYS A 184 21.18 -4.49 -6.53
CA LYS A 184 22.29 -4.19 -7.43
C LYS A 184 22.20 -2.76 -8.04
N GLY A 185 20.98 -2.21 -8.12
CA GLY A 185 20.82 -0.88 -8.70
C GLY A 185 19.37 -0.47 -8.85
N VAL A 186 19.15 0.67 -9.51
CA VAL A 186 17.82 1.20 -9.72
C VAL A 186 17.63 1.65 -11.16
N LEU A 187 16.39 1.60 -11.61
CA LEU A 187 16.07 1.95 -12.97
C LEU A 187 14.73 2.69 -12.96
N SER A 188 14.44 3.48 -13.98
CA SER A 188 13.18 4.23 -14.02
C SER A 188 12.38 3.90 -15.27
N LEU A 189 11.06 4.04 -15.17
CA LEU A 189 10.21 3.73 -16.31
C LEU A 189 10.56 4.66 -17.47
N ARG A 190 11.00 5.87 -17.13
CA ARG A 190 11.37 6.86 -18.12
C ARG A 190 12.53 6.33 -18.96
N ASP A 191 13.61 5.90 -18.33
CA ASP A 191 14.73 5.37 -19.10
C ASP A 191 14.26 4.23 -19.96
N LEU A 192 13.51 3.30 -19.37
CA LEU A 192 13.03 2.15 -20.11
C LEU A 192 12.30 2.52 -21.39
N ILE A 193 11.47 3.56 -21.29
CA ILE A 193 10.68 4.00 -22.42
C ILE A 193 11.47 4.58 -23.58
N VAL A 194 12.61 5.20 -23.30
CA VAL A 194 13.42 5.79 -24.36
C VAL A 194 14.49 4.84 -24.86
N ALA A 195 14.83 3.83 -24.07
CA ALA A 195 15.89 2.89 -24.42
C ALA A 195 15.50 1.90 -25.50
N ASP A 196 16.51 1.37 -26.18
CA ASP A 196 16.31 0.39 -27.24
C ASP A 196 15.86 -0.93 -26.59
N PRO A 197 14.84 -1.56 -27.16
CA PRO A 197 14.33 -2.83 -26.63
C PRO A 197 15.38 -3.93 -26.43
N ARG A 198 16.48 -3.83 -27.16
CA ARG A 198 17.54 -4.83 -27.09
C ARG A 198 18.54 -4.54 -25.97
N THR A 199 18.52 -3.32 -25.47
CA THR A 199 19.45 -2.93 -24.43
C THR A 199 19.34 -3.72 -23.14
N ARG A 200 20.48 -4.06 -22.56
CA ARG A 200 20.50 -4.78 -21.31
C ARG A 200 20.19 -3.78 -20.21
N VAL A 201 19.64 -4.29 -19.11
CA VAL A 201 19.27 -3.47 -17.97
C VAL A 201 20.53 -2.93 -17.26
N ALA A 202 21.62 -3.70 -17.29
CA ALA A 202 22.87 -3.27 -16.65
C ALA A 202 23.52 -2.10 -17.40
N GLU A 203 23.19 -1.95 -18.68
CA GLU A 203 23.71 -0.87 -19.50
C GLU A 203 22.87 0.39 -19.31
N ILE A 204 21.81 0.30 -18.49
CA ILE A 204 20.93 1.45 -18.24
C ILE A 204 20.76 1.82 -16.77
N MET A 205 20.91 0.85 -15.87
CA MET A 205 20.69 1.10 -14.45
C MET A 205 21.71 2.00 -13.77
N ASN A 206 21.33 2.52 -12.61
CA ASN A 206 22.24 3.33 -11.83
C ASN A 206 22.71 2.44 -10.66
N PRO A 207 23.93 1.91 -10.77
CA PRO A 207 24.58 1.04 -9.80
C PRO A 207 24.74 1.62 -8.41
N LYS A 208 24.75 2.95 -8.30
CA LYS A 208 24.91 3.59 -7.00
C LYS A 208 23.56 3.97 -6.44
N VAL A 209 22.63 3.01 -6.45
CA VAL A 209 21.30 3.24 -5.91
C VAL A 209 21.42 3.56 -4.45
N VAL A 210 20.65 4.52 -3.98
CA VAL A 210 20.68 4.88 -2.58
C VAL A 210 19.58 4.03 -1.96
N TYR A 211 19.84 3.51 -0.77
CA TYR A 211 18.87 2.65 -0.11
C TYR A 211 18.85 2.90 1.38
N VAL A 212 17.95 2.21 2.07
CA VAL A 212 17.80 2.33 3.51
C VAL A 212 17.69 0.93 4.18
N ARG A 213 17.89 0.85 5.50
CA ARG A 213 17.79 -0.43 6.20
C ARG A 213 16.40 -0.58 6.77
N THR A 214 16.01 -1.80 7.11
CA THR A 214 14.69 -2.05 7.67
C THR A 214 14.50 -1.39 9.03
N ASP A 215 15.60 -1.13 9.71
CA ASP A 215 15.53 -0.52 11.03
C ASP A 215 15.83 1.00 11.01
N THR A 216 16.17 1.52 9.83
CA THR A 216 16.48 2.94 9.67
C THR A 216 15.29 3.75 10.16
N ASP A 217 15.57 4.79 10.93
CA ASP A 217 14.52 5.65 11.48
C ASP A 217 13.70 6.35 10.39
N GLN A 218 12.41 6.54 10.65
CA GLN A 218 11.57 7.16 9.66
C GLN A 218 11.93 8.63 9.39
N GLU A 219 12.62 9.26 10.34
CA GLU A 219 13.05 10.66 10.20
C GLU A 219 14.04 10.65 9.06
N GLU A 220 14.97 9.71 9.14
CA GLU A 220 16.00 9.54 8.14
C GLU A 220 15.45 9.19 6.77
N VAL A 221 14.38 8.39 6.72
CA VAL A 221 13.78 7.99 5.44
C VAL A 221 13.18 9.23 4.80
N ALA A 222 12.52 10.04 5.62
CA ALA A 222 11.92 11.28 5.16
C ALA A 222 13.01 12.25 4.68
N ARG A 223 14.08 12.40 5.46
CA ARG A 223 15.17 13.29 5.10
C ARG A 223 15.88 12.87 3.82
N LEU A 224 16.10 11.56 3.71
CA LEU A 224 16.77 11.00 2.56
C LEU A 224 15.96 11.23 1.29
N MET A 225 14.63 11.06 1.42
CA MET A 225 13.70 11.20 0.31
C MET A 225 13.52 12.69 -0.12
N ALA A 226 13.67 13.60 0.84
CA ALA A 226 13.57 15.03 0.59
C ALA A 226 14.87 15.55 -0.05
N ASP A 227 16.00 15.06 0.42
CA ASP A 227 17.25 15.51 -0.15
C ASP A 227 17.45 15.08 -1.61
N TYR A 228 17.30 13.79 -1.86
CA TYR A 228 17.50 13.27 -3.21
C TYR A 228 16.33 13.46 -4.17
N ASP A 229 15.23 13.98 -3.64
CA ASP A 229 13.98 14.23 -4.39
C ASP A 229 13.36 12.97 -4.95
N PHE A 230 13.53 11.84 -4.27
CA PHE A 230 12.97 10.56 -4.75
C PHE A 230 11.51 10.47 -4.43
N THR A 231 10.78 9.68 -5.18
CA THR A 231 9.39 9.48 -4.86
C THR A 231 9.30 8.04 -4.33
N VAL A 232 10.39 7.30 -4.46
CA VAL A 232 10.45 5.90 -4.04
C VAL A 232 11.83 5.53 -3.58
N LEU A 233 11.92 4.84 -2.45
CA LEU A 233 13.22 4.47 -1.90
C LEU A 233 13.32 2.96 -1.57
N PRO A 234 14.42 2.31 -1.95
CA PRO A 234 14.43 0.89 -1.60
C PRO A 234 14.86 0.60 -0.14
N VAL A 235 14.31 -0.49 0.41
CA VAL A 235 14.62 -0.93 1.78
C VAL A 235 15.19 -2.36 1.79
N VAL A 236 16.40 -2.52 2.34
CA VAL A 236 17.04 -3.85 2.43
C VAL A 236 17.11 -4.32 3.88
N ASP A 237 17.53 -5.58 4.04
CA ASP A 237 17.68 -6.21 5.34
C ASP A 237 19.15 -6.19 5.75
N GLU A 238 19.53 -7.06 6.68
CA GLU A 238 20.93 -7.13 7.13
C GLU A 238 21.87 -7.84 6.16
N GLU A 239 21.32 -8.51 5.15
CA GLU A 239 22.12 -9.26 4.17
C GLU A 239 22.21 -8.54 2.81
N GLY A 240 21.67 -7.31 2.78
CA GLY A 240 21.68 -6.49 1.58
C GLY A 240 20.64 -6.90 0.54
N ARG A 241 19.62 -7.60 0.98
CA ARG A 241 18.61 -8.04 0.04
C ARG A 241 17.38 -7.18 0.06
N LEU A 242 16.87 -6.93 -1.13
CA LEU A 242 15.69 -6.11 -1.32
C LEU A 242 14.49 -6.74 -0.64
N VAL A 243 13.92 -6.05 0.34
CA VAL A 243 12.74 -6.57 1.00
C VAL A 243 11.52 -5.68 0.82
N GLY A 244 11.72 -4.50 0.18
CA GLY A 244 10.59 -3.60 -0.04
C GLY A 244 10.89 -2.16 -0.43
N ILE A 245 9.84 -1.38 -0.63
CA ILE A 245 10.04 0.03 -0.96
C ILE A 245 9.17 0.92 -0.10
N VAL A 246 9.61 2.17 0.09
CA VAL A 246 8.85 3.19 0.82
C VAL A 246 8.55 4.22 -0.25
N THR A 247 7.33 4.72 -0.29
CA THR A 247 6.97 5.72 -1.27
C THR A 247 6.80 7.05 -0.54
N VAL A 248 7.04 8.16 -1.25
CA VAL A 248 6.97 9.49 -0.65
C VAL A 248 5.61 9.87 -0.06
N ASP A 249 4.50 9.41 -0.64
CA ASP A 249 3.22 9.73 -0.01
C ASP A 249 3.21 9.30 1.49
N ASP A 250 3.81 8.15 1.80
CA ASP A 250 3.84 7.70 3.20
C ASP A 250 4.87 8.48 4.01
N VAL A 251 5.80 9.14 3.33
CA VAL A 251 6.76 9.94 4.09
C VAL A 251 6.11 11.30 4.41
N LEU A 252 5.32 11.82 3.48
CA LEU A 252 4.66 13.09 3.68
C LEU A 252 3.79 13.02 4.93
N ASP A 253 3.20 11.86 5.18
CA ASP A 253 2.34 11.66 6.34
C ASP A 253 3.10 11.62 7.66
N VAL A 254 4.32 11.08 7.63
CA VAL A 254 5.13 11.04 8.84
C VAL A 254 5.38 12.52 9.20
N LEU A 255 5.17 13.38 8.20
CA LEU A 255 5.38 14.82 8.26
C LEU A 255 6.90 15.05 8.16
MG MG B . 1.88 2.96 0.85
MG MG C . 3.14 0.54 8.79
#